data_1SIQ
#
_entry.id   1SIQ
#
_cell.length_a   116.960
_cell.length_b   116.960
_cell.length_c   128.020
_cell.angle_alpha   90.00
_cell.angle_beta   90.00
_cell.angle_gamma   120.00
#
_symmetry.space_group_name_H-M   'P 64 2 2'
#
loop_
_entity.id
_entity.type
_entity.pdbx_description
1 polymer 'Glutaryl-CoA dehydrogenase'
2 non-polymer 'FLAVIN-ADENINE DINUCLEOTIDE'
3 water water
#
_entity_poly.entity_id   1
_entity_poly.type   'polypeptide(L)'
_entity_poly.pdbx_seq_one_letter_code
;EFDWQDPLVLEEQLTTDEILIRDTFRTYCQERLMPRILLANRNEVFHREIISEMGELGVLGPTIKGYGCAGVSSVAYGLL
ARELERVDSGYRSAMSVQSSLVMHPIYAYGSEEQRQKYLPQLAKGELLGCFGLTEPNSGSDPSSMETRAHYNSSNKSYTL
NGTKTWITNSPMADLFVVWARCEDGCIRGFLLEKGMRGLSAPRIQGKFSLRASATGMIIMDGVEVPEENVLPGASSLGGP
FGCLNNARYGIAWGVLGASEFCLHTARQYALDRMQFGVPLARNQLIQKKLADMLTEITLGLHACLQLGRLKDQDKAAPEM
VSLLKRNNCGKALDIARQARDMLGGNGISDEYHVIRHAMNLEAVNTYEGTHDIHALILGRAITGIQAFTASK
;
_entity_poly.pdbx_strand_id   A
#
loop_
_chem_comp.id
_chem_comp.type
_chem_comp.name
_chem_comp.formula
FAD non-polymer 'FLAVIN-ADENINE DINUCLEOTIDE' 'C27 H33 N9 O15 P2'
#
# COMPACT_ATOMS: atom_id res chain seq x y z
N GLU A 1 8.85 25.32 -23.48
CA GLU A 1 9.81 24.49 -22.71
C GLU A 1 9.17 23.87 -21.48
N PHE A 2 8.29 24.61 -20.83
CA PHE A 2 7.62 24.12 -19.64
C PHE A 2 6.46 23.20 -19.96
N ASP A 3 6.45 22.05 -19.31
CA ASP A 3 5.41 21.04 -19.48
C ASP A 3 4.82 20.83 -18.10
N TRP A 4 3.59 21.30 -17.89
CA TRP A 4 2.96 21.19 -16.58
C TRP A 4 2.76 19.75 -16.12
N GLN A 5 2.83 18.81 -17.04
CA GLN A 5 2.64 17.41 -16.68
C GLN A 5 3.90 16.80 -16.09
N ASP A 6 5.00 17.53 -16.16
CA ASP A 6 6.28 17.08 -15.62
C ASP A 6 7.20 18.30 -15.53
N PRO A 7 6.87 19.23 -14.62
CA PRO A 7 7.59 20.48 -14.36
C PRO A 7 9.12 20.39 -14.28
N LEU A 8 9.64 19.49 -13.45
CA LEU A 8 11.08 19.35 -13.30
C LEU A 8 11.71 18.22 -14.10
N VAL A 9 11.01 17.75 -15.13
CA VAL A 9 11.52 16.72 -16.03
C VAL A 9 11.99 15.43 -15.34
N LEU A 10 11.07 14.75 -14.68
CA LEU A 10 11.38 13.50 -14.01
C LEU A 10 11.81 12.46 -15.06
N GLU A 11 11.20 12.56 -16.24
CA GLU A 11 11.45 11.64 -17.35
C GLU A 11 12.92 11.37 -17.64
N GLU A 12 13.72 12.43 -17.65
CA GLU A 12 15.15 12.29 -17.95
C GLU A 12 15.95 11.73 -16.79
N GLN A 13 15.26 11.36 -15.71
CA GLN A 13 15.90 10.78 -14.54
C GLN A 13 15.67 9.28 -14.50
N LEU A 14 14.77 8.81 -15.37
CA LEU A 14 14.44 7.38 -15.42
C LEU A 14 15.23 6.64 -16.50
N THR A 15 15.45 5.35 -16.27
CA THR A 15 16.17 4.51 -17.22
C THR A 15 15.17 4.04 -18.28
N THR A 16 15.68 3.58 -19.41
CA THR A 16 14.78 3.11 -20.47
C THR A 16 13.91 1.97 -19.98
N ASP A 17 14.46 1.11 -19.12
CA ASP A 17 13.70 -0.02 -18.59
C ASP A 17 12.56 0.45 -17.71
N GLU A 18 12.86 1.41 -16.83
CA GLU A 18 11.87 1.96 -15.91
C GLU A 18 10.73 2.61 -16.69
N ILE A 19 11.09 3.39 -17.71
CA ILE A 19 10.10 4.04 -18.55
C ILE A 19 9.25 3.00 -19.26
N LEU A 20 9.91 1.97 -19.77
CA LEU A 20 9.22 0.90 -20.48
C LEU A 20 8.23 0.20 -19.55
N ILE A 21 8.68 -0.10 -18.35
CA ILE A 21 7.85 -0.77 -17.35
C ILE A 21 6.62 0.07 -17.04
N ARG A 22 6.85 1.34 -16.75
CA ARG A 22 5.77 2.26 -16.43
C ARG A 22 4.70 2.29 -17.51
N ASP A 23 5.11 2.59 -18.75
CA ASP A 23 4.16 2.67 -19.86
C ASP A 23 3.39 1.38 -20.10
N THR A 24 4.10 0.26 -20.07
CA THR A 24 3.45 -1.03 -20.28
C THR A 24 2.36 -1.24 -19.24
N PHE A 25 2.68 -0.99 -17.98
CA PHE A 25 1.71 -1.17 -16.91
C PHE A 25 0.58 -0.17 -17.02
N ARG A 26 0.91 1.08 -17.35
CA ARG A 26 -0.08 2.13 -17.49
C ARG A 26 -1.18 1.68 -18.45
N THR A 27 -0.76 1.11 -19.58
CA THR A 27 -1.69 0.63 -20.59
C THR A 27 -2.64 -0.41 -20.00
N TYR A 28 -2.10 -1.33 -19.22
CA TYR A 28 -2.92 -2.35 -18.58
C TYR A 28 -3.90 -1.70 -17.62
N CYS A 29 -3.41 -0.80 -16.78
CA CYS A 29 -4.26 -0.12 -15.80
C CYS A 29 -5.42 0.64 -16.44
N GLN A 30 -5.13 1.37 -17.51
CA GLN A 30 -6.17 2.15 -18.19
C GLN A 30 -7.14 1.28 -18.97
N GLU A 31 -6.64 0.20 -19.57
CA GLU A 31 -7.49 -0.67 -20.36
C GLU A 31 -8.28 -1.71 -19.57
N ARG A 32 -7.68 -2.27 -18.53
CA ARG A 32 -8.34 -3.31 -17.75
C ARG A 32 -8.89 -2.90 -16.39
N LEU A 33 -8.23 -1.96 -15.71
CA LEU A 33 -8.69 -1.57 -14.39
C LEU A 33 -9.69 -0.41 -14.33
N MET A 34 -9.39 0.69 -15.03
CA MET A 34 -10.29 1.85 -15.02
C MET A 34 -11.73 1.49 -15.36
N PRO A 35 -11.95 0.63 -16.37
CA PRO A 35 -13.32 0.28 -16.71
C PRO A 35 -14.11 -0.50 -15.66
N ARG A 36 -13.43 -1.14 -14.71
CA ARG A 36 -14.16 -1.89 -13.69
C ARG A 36 -14.32 -1.15 -12.36
N ILE A 37 -13.51 -0.11 -12.15
CA ILE A 37 -13.53 0.63 -10.89
C ILE A 37 -14.82 1.34 -10.45
N LEU A 38 -15.56 1.93 -11.39
CA LEU A 38 -16.78 2.64 -11.01
C LEU A 38 -17.74 1.78 -10.17
N LEU A 39 -18.17 0.65 -10.73
CA LEU A 39 -19.09 -0.23 -10.03
C LEU A 39 -18.41 -1.03 -8.93
N ALA A 40 -17.13 -1.33 -9.10
CA ALA A 40 -16.39 -2.08 -8.10
C ALA A 40 -16.42 -1.31 -6.79
N ASN A 41 -16.07 -0.04 -6.88
CA ASN A 41 -16.05 0.83 -5.70
C ASN A 41 -17.46 1.09 -5.17
N ARG A 42 -18.42 1.22 -6.08
CA ARG A 42 -19.79 1.51 -5.69
C ARG A 42 -20.46 0.35 -4.96
N ASN A 43 -20.19 -0.88 -5.41
CA ASN A 43 -20.80 -2.05 -4.80
C ASN A 43 -19.85 -2.91 -3.95
N GLU A 44 -18.67 -2.36 -3.64
CA GLU A 44 -17.68 -3.08 -2.84
C GLU A 44 -17.34 -4.45 -3.41
N VAL A 45 -16.86 -4.47 -4.64
CA VAL A 45 -16.51 -5.71 -5.29
C VAL A 45 -15.04 -5.74 -5.66
N PHE A 46 -14.31 -6.72 -5.14
CA PHE A 46 -12.91 -6.84 -5.48
C PHE A 46 -12.79 -8.03 -6.42
N HIS A 47 -12.26 -7.80 -7.62
CA HIS A 47 -12.11 -8.87 -8.59
C HIS A 47 -10.81 -9.64 -8.38
N ARG A 48 -10.96 -10.84 -7.84
CA ARG A 48 -9.82 -11.71 -7.57
C ARG A 48 -8.91 -11.84 -8.79
N GLU A 49 -9.51 -11.80 -9.97
CA GLU A 49 -8.77 -11.92 -11.23
C GLU A 49 -7.65 -10.90 -11.35
N ILE A 50 -7.89 -9.71 -10.79
CA ILE A 50 -6.90 -8.63 -10.84
C ILE A 50 -5.52 -9.09 -10.39
N ILE A 51 -5.47 -9.91 -9.36
CA ILE A 51 -4.19 -10.41 -8.85
C ILE A 51 -3.57 -11.41 -9.83
N SER A 52 -4.40 -12.18 -10.50
CA SER A 52 -3.90 -13.15 -11.48
C SER A 52 -3.32 -12.39 -12.67
N GLU A 53 -4.07 -11.39 -13.12
CA GLU A 53 -3.64 -10.57 -14.25
C GLU A 53 -2.29 -9.91 -13.97
N MET A 54 -2.16 -9.27 -12.82
CA MET A 54 -0.91 -8.61 -12.48
C MET A 54 0.19 -9.66 -12.33
N GLY A 55 -0.22 -10.88 -12.00
CA GLY A 55 0.73 -11.97 -11.85
C GLY A 55 1.32 -12.34 -13.20
N GLU A 56 0.48 -12.43 -14.22
CA GLU A 56 0.92 -12.76 -15.57
C GLU A 56 1.86 -11.67 -16.07
N LEU A 57 1.56 -10.42 -15.73
CA LEU A 57 2.39 -9.30 -16.14
C LEU A 57 3.72 -9.29 -15.39
N GLY A 58 3.82 -10.09 -14.34
CA GLY A 58 5.04 -10.15 -13.56
C GLY A 58 5.31 -8.91 -12.72
N VAL A 59 4.24 -8.23 -12.32
CA VAL A 59 4.33 -7.02 -11.52
C VAL A 59 4.38 -7.31 -10.01
N LEU A 60 3.98 -8.51 -9.61
CA LEU A 60 3.97 -8.89 -8.20
C LEU A 60 5.38 -9.17 -7.65
N GLY A 61 5.71 -8.50 -6.55
CA GLY A 61 7.03 -8.67 -5.95
C GLY A 61 8.10 -8.41 -7.00
N PRO A 62 8.03 -7.26 -7.69
CA PRO A 62 8.99 -6.88 -8.74
C PRO A 62 10.46 -6.71 -8.36
N THR A 63 10.72 -6.31 -7.12
CA THR A 63 12.11 -6.11 -6.72
C THR A 63 12.81 -7.40 -6.31
N ILE A 64 12.04 -8.47 -6.15
CA ILE A 64 12.64 -9.74 -5.75
C ILE A 64 13.44 -10.35 -6.88
N LYS A 65 14.62 -10.87 -6.54
CA LYS A 65 15.49 -11.50 -7.52
C LYS A 65 15.29 -13.01 -7.51
N GLY A 66 14.88 -13.56 -8.65
CA GLY A 66 14.65 -14.98 -8.75
C GLY A 66 13.24 -15.38 -8.39
N TYR A 67 13.01 -16.69 -8.27
CA TYR A 67 11.70 -17.22 -7.91
C TYR A 67 10.56 -16.78 -8.85
N GLY A 68 10.92 -16.41 -10.08
CA GLY A 68 9.92 -15.99 -11.04
C GLY A 68 9.56 -14.51 -10.96
N CYS A 69 10.36 -13.75 -10.23
CA CYS A 69 10.12 -12.33 -10.06
C CYS A 69 10.98 -11.51 -11.04
N ALA A 70 10.47 -10.33 -11.40
CA ALA A 70 11.13 -9.43 -12.34
C ALA A 70 12.53 -8.98 -11.94
N GLY A 71 12.73 -8.71 -10.65
CA GLY A 71 14.03 -8.26 -10.22
C GLY A 71 14.34 -6.86 -10.74
N VAL A 72 13.35 -5.97 -10.70
CA VAL A 72 13.53 -4.61 -11.17
C VAL A 72 13.97 -3.68 -10.03
N SER A 73 14.22 -2.42 -10.37
CA SER A 73 14.67 -1.43 -9.39
C SER A 73 13.55 -0.93 -8.48
N SER A 74 13.93 -0.25 -7.40
CA SER A 74 12.96 0.28 -6.45
C SER A 74 12.15 1.38 -7.12
N VAL A 75 12.81 2.15 -7.98
CA VAL A 75 12.14 3.22 -8.71
C VAL A 75 11.05 2.61 -9.61
N ALA A 76 11.36 1.47 -10.21
CA ALA A 76 10.39 0.80 -11.06
C ALA A 76 9.18 0.42 -10.21
N TYR A 77 9.44 -0.06 -9.00
CA TYR A 77 8.38 -0.46 -8.09
C TYR A 77 7.51 0.77 -7.78
N GLY A 78 8.17 1.90 -7.52
CA GLY A 78 7.45 3.13 -7.22
C GLY A 78 6.60 3.56 -8.40
N LEU A 79 7.16 3.48 -9.60
CA LEU A 79 6.45 3.84 -10.82
C LEU A 79 5.21 2.97 -11.00
N LEU A 80 5.34 1.68 -10.66
CA LEU A 80 4.22 0.75 -10.77
C LEU A 80 3.11 1.13 -9.81
N ALA A 81 3.48 1.45 -8.57
CA ALA A 81 2.52 1.85 -7.56
C ALA A 81 1.74 3.10 -7.97
N ARG A 82 2.47 4.06 -8.55
CA ARG A 82 1.89 5.32 -8.99
C ARG A 82 0.82 5.11 -10.07
N GLU A 83 1.09 4.21 -11.01
CA GLU A 83 0.12 3.93 -12.08
C GLU A 83 -1.10 3.19 -11.55
N LEU A 84 -0.90 2.34 -10.55
CA LEU A 84 -2.00 1.56 -9.99
C LEU A 84 -2.92 2.47 -9.19
N GLU A 85 -2.34 3.33 -8.37
CA GLU A 85 -3.13 4.23 -7.54
C GLU A 85 -3.78 5.34 -8.38
N ARG A 86 -3.20 5.62 -9.54
CA ARG A 86 -3.77 6.63 -10.43
C ARG A 86 -5.19 6.16 -10.75
N VAL A 87 -5.39 4.85 -10.64
CA VAL A 87 -6.70 4.24 -10.87
C VAL A 87 -7.46 4.19 -9.55
N ASP A 88 -6.90 3.50 -8.55
CA ASP A 88 -7.55 3.38 -7.25
C ASP A 88 -6.64 2.85 -6.15
N SER A 89 -6.70 3.49 -4.98
CA SER A 89 -5.89 3.10 -3.82
C SER A 89 -6.16 1.69 -3.34
N GLY A 90 -7.43 1.28 -3.43
CA GLY A 90 -7.80 -0.07 -3.01
C GLY A 90 -7.03 -1.10 -3.81
N TYR A 91 -6.96 -0.88 -5.12
CA TYR A 91 -6.24 -1.78 -6.00
C TYR A 91 -4.75 -1.77 -5.66
N ARG A 92 -4.18 -0.59 -5.43
CA ARG A 92 -2.77 -0.53 -5.11
C ARG A 92 -2.50 -1.20 -3.75
N SER A 93 -3.47 -1.10 -2.84
CA SER A 93 -3.36 -1.72 -1.53
C SER A 93 -3.21 -3.22 -1.66
N ALA A 94 -4.03 -3.83 -2.51
CA ALA A 94 -3.97 -5.27 -2.73
C ALA A 94 -2.59 -5.66 -3.23
N MET A 95 -2.00 -4.83 -4.09
CA MET A 95 -0.68 -5.10 -4.64
C MET A 95 0.46 -4.86 -3.64
N SER A 96 0.31 -3.83 -2.79
CA SER A 96 1.32 -3.52 -1.77
C SER A 96 1.44 -4.69 -0.82
N VAL A 97 0.28 -5.20 -0.39
CA VAL A 97 0.23 -6.33 0.53
C VAL A 97 0.94 -7.54 -0.07
N GLN A 98 0.49 -7.98 -1.24
CA GLN A 98 1.08 -9.13 -1.91
C GLN A 98 2.59 -9.00 -2.07
N SER A 99 3.05 -7.85 -2.55
CA SER A 99 4.46 -7.61 -2.80
C SER A 99 5.35 -7.34 -1.58
N SER A 100 5.03 -6.33 -0.81
CA SER A 100 5.84 -5.95 0.33
C SER A 100 5.54 -6.58 1.68
N LEU A 101 4.28 -6.96 1.89
CA LEU A 101 3.92 -7.54 3.18
C LEU A 101 3.80 -9.05 3.21
N VAL A 102 3.78 -9.67 2.04
CA VAL A 102 3.68 -11.13 1.97
C VAL A 102 4.91 -11.75 1.34
N MET A 103 5.20 -11.37 0.10
CA MET A 103 6.36 -11.90 -0.61
C MET A 103 7.69 -11.47 -0.02
N HIS A 104 7.83 -10.20 0.32
CA HIS A 104 9.07 -9.70 0.87
C HIS A 104 9.53 -10.42 2.15
N PRO A 105 8.65 -10.54 3.16
CA PRO A 105 9.02 -11.23 4.41
C PRO A 105 9.41 -12.68 4.19
N ILE A 106 8.66 -13.38 3.34
CA ILE A 106 8.97 -14.77 3.04
C ILE A 106 10.34 -14.85 2.38
N TYR A 107 10.66 -13.81 1.61
CA TYR A 107 11.92 -13.73 0.89
C TYR A 107 13.10 -13.40 1.80
N ALA A 108 12.89 -12.47 2.73
CA ALA A 108 13.94 -12.02 3.62
C ALA A 108 14.10 -12.81 4.93
N TYR A 109 13.00 -13.28 5.48
CA TYR A 109 13.03 -13.98 6.75
C TYR A 109 12.65 -15.45 6.67
N GLY A 110 12.26 -15.90 5.49
CA GLY A 110 11.86 -17.28 5.34
C GLY A 110 12.99 -18.25 5.11
N SER A 111 12.68 -19.54 5.18
CA SER A 111 13.66 -20.58 4.94
C SER A 111 13.64 -20.78 3.43
N GLU A 112 14.65 -21.43 2.89
CA GLU A 112 14.71 -21.66 1.44
C GLU A 112 13.53 -22.50 0.99
N GLU A 113 13.09 -23.41 1.86
CA GLU A 113 11.96 -24.26 1.55
C GLU A 113 10.72 -23.41 1.34
N GLN A 114 10.49 -22.47 2.26
CA GLN A 114 9.33 -21.59 2.17
C GLN A 114 9.37 -20.72 0.92
N ARG A 115 10.56 -20.20 0.58
CA ARG A 115 10.69 -19.40 -0.61
C ARG A 115 10.32 -20.24 -1.83
N GLN A 116 11.02 -21.37 -2.00
CA GLN A 116 10.76 -22.27 -3.11
C GLN A 116 9.28 -22.60 -3.23
N LYS A 117 8.64 -22.85 -2.10
CA LYS A 117 7.24 -23.23 -2.05
C LYS A 117 6.20 -22.14 -2.29
N TYR A 118 6.43 -20.95 -1.74
CA TYR A 118 5.45 -19.89 -1.86
C TYR A 118 5.68 -18.78 -2.89
N LEU A 119 6.91 -18.29 -2.99
CA LEU A 119 7.21 -17.20 -3.92
C LEU A 119 6.71 -17.41 -5.35
N PRO A 120 7.04 -18.54 -5.98
CA PRO A 120 6.56 -18.75 -7.35
C PRO A 120 5.05 -18.62 -7.51
N GLN A 121 4.29 -19.15 -6.56
CA GLN A 121 2.83 -19.08 -6.64
C GLN A 121 2.32 -17.66 -6.37
N LEU A 122 2.98 -16.97 -5.44
CA LEU A 122 2.59 -15.61 -5.11
C LEU A 122 2.90 -14.67 -6.28
N ALA A 123 4.05 -14.89 -6.91
CA ALA A 123 4.49 -14.09 -8.04
C ALA A 123 3.51 -14.19 -9.21
N LYS A 124 2.98 -15.38 -9.44
CA LYS A 124 2.04 -15.60 -10.54
C LYS A 124 0.60 -15.30 -10.17
N GLY A 125 0.38 -14.86 -8.94
CA GLY A 125 -0.97 -14.54 -8.51
C GLY A 125 -1.83 -15.76 -8.22
N GLU A 126 -1.22 -16.94 -8.18
CA GLU A 126 -1.97 -18.16 -7.90
C GLU A 126 -2.46 -18.16 -6.45
N LEU A 127 -1.69 -17.53 -5.58
CA LEU A 127 -2.07 -17.46 -4.15
C LEU A 127 -2.24 -16.00 -3.75
N LEU A 128 -3.31 -15.72 -3.00
CA LEU A 128 -3.55 -14.37 -2.52
C LEU A 128 -3.14 -14.34 -1.06
N GLY A 129 -2.26 -13.42 -0.70
CA GLY A 129 -1.82 -13.35 0.68
C GLY A 129 -2.30 -12.15 1.44
N CYS A 130 -2.12 -12.17 2.76
CA CYS A 130 -2.51 -11.05 3.58
C CYS A 130 -1.51 -10.97 4.74
N PHE A 131 -1.45 -9.82 5.37
CA PHE A 131 -0.51 -9.53 6.44
C PHE A 131 -1.28 -9.19 7.72
N GLY A 132 -1.18 -10.08 8.71
CA GLY A 132 -1.90 -9.89 9.97
C GLY A 132 -1.07 -9.35 11.12
N LEU A 133 -1.13 -8.05 11.33
CA LEU A 133 -0.40 -7.43 12.41
C LEU A 133 -1.32 -6.69 13.39
N THR A 134 -2.15 -5.81 12.85
CA THR A 134 -3.06 -5.01 13.66
C THR A 134 -4.15 -5.84 14.34
N GLU A 135 -4.49 -5.44 15.55
CA GLU A 135 -5.51 -6.10 16.35
C GLU A 135 -6.45 -5.04 16.93
N PRO A 136 -7.63 -5.44 17.41
CA PRO A 136 -8.59 -4.51 17.99
C PRO A 136 -7.99 -3.55 19.03
N ASN A 137 -7.05 -4.05 19.84
CA ASN A 137 -6.43 -3.21 20.85
C ASN A 137 -4.97 -2.91 20.57
N SER A 138 -4.54 -3.19 19.35
CA SER A 138 -3.14 -2.95 18.99
C SER A 138 -3.04 -2.38 17.57
N GLY A 139 -2.88 -1.05 17.48
CA GLY A 139 -2.77 -0.40 16.18
C GLY A 139 -1.45 0.35 16.06
N SER A 140 -1.42 1.57 16.56
CA SER A 140 -0.20 2.37 16.53
C SER A 140 0.86 1.77 17.46
N ASP A 141 0.42 0.95 18.41
CA ASP A 141 1.31 0.31 19.37
C ASP A 141 1.25 -1.22 19.30
N PRO A 142 2.20 -1.82 18.57
CA PRO A 142 2.34 -3.27 18.35
C PRO A 142 2.72 -4.06 19.59
N SER A 143 3.36 -3.40 20.56
CA SER A 143 3.75 -4.08 21.78
C SER A 143 2.54 -4.49 22.60
N SER A 144 1.37 -3.99 22.21
CA SER A 144 0.15 -4.30 22.92
C SER A 144 -0.61 -5.48 22.30
N MET A 145 -0.03 -6.14 21.31
CA MET A 145 -0.75 -7.24 20.68
C MET A 145 -0.99 -8.38 21.66
N GLU A 146 -2.17 -8.98 21.54
CA GLU A 146 -2.57 -10.06 22.43
C GLU A 146 -2.53 -11.44 21.79
N THR A 147 -2.30 -11.49 20.48
CA THR A 147 -2.23 -12.78 19.81
C THR A 147 -1.02 -13.51 20.35
N ARG A 148 -1.23 -14.71 20.86
CA ARG A 148 -0.14 -15.50 21.43
C ARG A 148 0.03 -16.84 20.74
N ALA A 149 1.27 -17.32 20.72
CA ALA A 149 1.61 -18.60 20.11
C ALA A 149 2.27 -19.49 21.16
N HIS A 150 1.62 -20.58 21.50
CA HIS A 150 2.17 -21.50 22.49
C HIS A 150 2.82 -22.68 21.79
N TYR A 151 4.02 -23.03 22.24
CA TYR A 151 4.76 -24.12 21.65
C TYR A 151 4.36 -25.49 22.18
N ASN A 152 4.23 -26.45 21.27
CA ASN A 152 3.88 -27.81 21.63
C ASN A 152 5.13 -28.65 21.34
N SER A 153 5.99 -28.78 22.34
CA SER A 153 7.24 -29.54 22.20
C SER A 153 7.05 -30.93 21.62
N SER A 154 5.96 -31.59 21.98
CA SER A 154 5.69 -32.94 21.50
C SER A 154 5.41 -33.01 20.00
N ASN A 155 4.49 -32.18 19.52
CA ASN A 155 4.12 -32.16 18.11
C ASN A 155 5.04 -31.26 17.28
N LYS A 156 5.92 -30.53 17.94
CA LYS A 156 6.82 -29.62 17.25
C LYS A 156 5.96 -28.70 16.40
N SER A 157 5.05 -28.01 17.06
CA SER A 157 4.14 -27.09 16.42
C SER A 157 3.78 -25.99 17.41
N TYR A 158 3.07 -24.99 16.94
CA TYR A 158 2.65 -23.87 17.77
C TYR A 158 1.14 -23.77 17.70
N THR A 159 0.52 -23.24 18.75
CA THR A 159 -0.91 -23.06 18.78
C THR A 159 -1.16 -21.57 18.91
N LEU A 160 -1.88 -21.01 17.94
CA LEU A 160 -2.16 -19.58 17.95
C LEU A 160 -3.57 -19.22 18.37
N ASN A 161 -3.67 -18.17 19.18
CA ASN A 161 -4.95 -17.67 19.64
C ASN A 161 -4.92 -16.16 19.58
N GLY A 162 -5.93 -15.57 18.93
CA GLY A 162 -5.96 -14.13 18.83
C GLY A 162 -6.85 -13.63 17.72
N THR A 163 -6.91 -12.31 17.58
CA THR A 163 -7.72 -11.70 16.55
C THR A 163 -7.01 -10.55 15.85
N LYS A 164 -6.95 -10.61 14.54
CA LYS A 164 -6.35 -9.54 13.76
C LYS A 164 -7.55 -8.86 13.11
N THR A 165 -7.51 -7.54 13.01
CA THR A 165 -8.63 -6.84 12.41
C THR A 165 -8.16 -5.82 11.37
N TRP A 166 -9.08 -5.37 10.53
CA TRP A 166 -8.76 -4.41 9.47
C TRP A 166 -7.63 -4.97 8.63
N ILE A 167 -7.78 -6.21 8.14
CA ILE A 167 -6.74 -6.82 7.35
C ILE A 167 -7.11 -6.88 5.87
N THR A 168 -6.29 -6.24 5.04
CA THR A 168 -6.52 -6.22 3.61
C THR A 168 -6.35 -7.61 3.00
N ASN A 169 -7.32 -8.01 2.18
CA ASN A 169 -7.32 -9.30 1.49
C ASN A 169 -7.76 -10.54 2.28
N SER A 170 -7.80 -10.45 3.60
CA SER A 170 -8.12 -11.63 4.42
C SER A 170 -9.33 -12.48 4.02
N PRO A 171 -10.47 -11.84 3.67
CA PRO A 171 -11.66 -12.62 3.29
C PRO A 171 -11.48 -13.60 2.12
N MET A 172 -10.53 -13.32 1.23
CA MET A 172 -10.31 -14.20 0.10
C MET A 172 -8.85 -14.63 -0.01
N ALA A 173 -8.14 -14.57 1.10
CA ALA A 173 -6.72 -14.93 1.16
C ALA A 173 -6.52 -16.45 1.24
N ASP A 174 -5.38 -16.90 0.74
CA ASP A 174 -5.01 -18.31 0.75
C ASP A 174 -3.87 -18.48 1.75
N LEU A 175 -3.03 -17.47 1.83
CA LEU A 175 -1.88 -17.49 2.71
C LEU A 175 -1.98 -16.32 3.68
N PHE A 176 -1.75 -16.59 4.96
CA PHE A 176 -1.82 -15.55 5.99
C PHE A 176 -0.49 -15.42 6.72
N VAL A 177 0.12 -14.25 6.67
CA VAL A 177 1.37 -14.03 7.40
C VAL A 177 0.97 -13.34 8.69
N VAL A 178 0.94 -14.09 9.78
CA VAL A 178 0.52 -13.57 11.09
C VAL A 178 1.65 -13.37 12.09
N TRP A 179 1.57 -12.27 12.84
CA TRP A 179 2.59 -11.97 13.85
C TRP A 179 1.98 -12.16 15.24
N ALA A 180 2.65 -12.97 16.07
CA ALA A 180 2.17 -13.23 17.41
C ALA A 180 3.29 -13.21 18.44
N ARG A 181 2.96 -12.83 19.66
CA ARG A 181 3.96 -12.78 20.72
C ARG A 181 4.18 -14.20 21.25
N CYS A 182 5.45 -14.58 21.40
CA CYS A 182 5.76 -15.91 21.89
C CYS A 182 6.05 -15.94 23.38
N GLU A 183 6.10 -17.14 23.94
CA GLU A 183 6.36 -17.34 25.35
C GLU A 183 7.70 -16.76 25.80
N ASP A 184 8.66 -16.69 24.88
CA ASP A 184 9.98 -16.15 25.21
C ASP A 184 9.99 -14.63 25.18
N GLY A 185 8.85 -14.03 24.82
CA GLY A 185 8.77 -12.57 24.77
C GLY A 185 8.93 -12.00 23.37
N CYS A 186 9.56 -12.76 22.48
CA CYS A 186 9.76 -12.30 21.12
C CYS A 186 8.53 -12.56 20.27
N ILE A 187 8.28 -11.69 19.29
CA ILE A 187 7.13 -11.87 18.42
C ILE A 187 7.64 -12.43 17.09
N ARG A 188 7.04 -13.53 16.66
CA ARG A 188 7.44 -14.17 15.42
C ARG A 188 6.34 -14.17 14.36
N GLY A 189 6.74 -14.51 13.13
CA GLY A 189 5.81 -14.55 12.01
C GLY A 189 5.46 -15.98 11.64
N PHE A 190 4.16 -16.23 11.51
CA PHE A 190 3.68 -17.56 11.17
C PHE A 190 2.91 -17.54 9.85
N LEU A 191 3.11 -18.59 9.05
CA LEU A 191 2.43 -18.72 7.79
C LEU A 191 1.23 -19.64 8.00
N LEU A 192 0.03 -19.12 7.79
CA LEU A 192 -1.17 -19.94 7.93
C LEU A 192 -1.77 -20.10 6.54
N GLU A 193 -2.60 -21.12 6.37
CA GLU A 193 -3.23 -21.36 5.08
C GLU A 193 -4.72 -21.57 5.27
N LYS A 194 -5.53 -21.06 4.35
CA LYS A 194 -6.97 -21.22 4.46
C LYS A 194 -7.26 -22.71 4.63
N GLY A 195 -8.26 -23.03 5.43
CA GLY A 195 -8.58 -24.42 5.64
C GLY A 195 -8.11 -24.93 6.99
N MET A 196 -7.08 -24.32 7.55
CA MET A 196 -6.59 -24.75 8.86
C MET A 196 -7.75 -24.64 9.86
N ARG A 197 -7.95 -25.69 10.65
CA ARG A 197 -9.03 -25.71 11.62
C ARG A 197 -8.87 -24.59 12.66
N GLY A 198 -9.96 -23.86 12.89
CA GLY A 198 -9.93 -22.77 13.86
C GLY A 198 -9.64 -21.41 13.26
N LEU A 199 -9.35 -21.37 11.97
CA LEU A 199 -9.03 -20.11 11.27
C LEU A 199 -10.23 -19.53 10.53
N SER A 200 -10.63 -18.31 10.89
CA SER A 200 -11.76 -17.64 10.25
C SER A 200 -11.35 -16.25 9.73
N ALA A 201 -11.96 -15.84 8.63
CA ALA A 201 -11.67 -14.54 8.03
C ALA A 201 -12.93 -13.84 7.53
N PRO A 202 -13.78 -13.40 8.46
CA PRO A 202 -15.02 -12.72 8.05
C PRO A 202 -14.73 -11.31 7.50
N ARG A 203 -15.57 -10.88 6.57
CA ARG A 203 -15.43 -9.58 5.93
C ARG A 203 -15.95 -8.45 6.81
N ILE A 204 -15.36 -7.27 6.66
CA ILE A 204 -15.77 -6.09 7.41
C ILE A 204 -16.71 -5.27 6.51
N GLN A 205 -17.86 -4.87 7.05
CA GLN A 205 -18.83 -4.08 6.29
C GLN A 205 -18.92 -2.65 6.77
N GLY A 206 -19.51 -1.78 5.95
CA GLY A 206 -19.67 -0.39 6.34
C GLY A 206 -18.49 0.52 6.02
N LYS A 207 -17.57 0.04 5.19
CA LYS A 207 -16.42 0.84 4.79
C LYS A 207 -16.81 1.94 3.82
N PHE A 208 -16.25 3.14 4.02
CA PHE A 208 -16.51 4.24 3.12
C PHE A 208 -15.18 4.81 2.65
N SER A 209 -14.22 3.90 2.51
CA SER A 209 -12.88 4.17 2.02
C SER A 209 -12.34 2.81 1.57
N LEU A 210 -11.59 2.80 0.47
CA LEU A 210 -11.02 1.58 -0.10
C LEU A 210 -12.06 0.47 -0.30
N ARG A 211 -13.22 0.86 -0.81
CA ARG A 211 -14.33 -0.07 -1.04
C ARG A 211 -14.07 -1.15 -2.10
N ALA A 212 -13.18 -0.88 -3.05
CA ALA A 212 -12.88 -1.87 -4.09
C ALA A 212 -11.87 -2.88 -3.57
N SER A 213 -11.52 -2.76 -2.30
CA SER A 213 -10.57 -3.65 -1.66
C SER A 213 -11.29 -4.53 -0.66
N ALA A 214 -10.92 -5.81 -0.58
CA ALA A 214 -11.53 -6.73 0.36
C ALA A 214 -10.81 -6.58 1.70
N THR A 215 -11.57 -6.27 2.74
CA THR A 215 -10.99 -6.09 4.08
C THR A 215 -11.74 -6.93 5.09
N GLY A 216 -10.99 -7.67 5.91
CA GLY A 216 -11.63 -8.50 6.91
C GLY A 216 -10.77 -8.73 8.14
N MET A 217 -11.13 -9.74 8.92
CA MET A 217 -10.40 -10.07 10.13
C MET A 217 -9.71 -11.42 9.98
N ILE A 218 -8.94 -11.79 11.00
CA ILE A 218 -8.30 -13.09 11.04
C ILE A 218 -8.50 -13.58 12.47
N ILE A 219 -9.47 -14.48 12.64
CA ILE A 219 -9.75 -15.02 13.96
C ILE A 219 -9.09 -16.39 14.05
N MET A 220 -8.23 -16.54 15.06
CA MET A 220 -7.52 -17.77 15.31
C MET A 220 -7.97 -18.43 16.60
N ASP A 221 -8.75 -19.50 16.46
CA ASP A 221 -9.27 -20.25 17.60
C ASP A 221 -8.43 -21.51 17.80
N GLY A 222 -7.29 -21.37 18.47
CA GLY A 222 -6.44 -22.53 18.69
C GLY A 222 -5.96 -23.15 17.39
N VAL A 223 -5.39 -22.33 16.50
CA VAL A 223 -4.90 -22.83 15.23
C VAL A 223 -3.53 -23.44 15.43
N GLU A 224 -3.35 -24.67 14.96
CA GLU A 224 -2.07 -25.36 15.11
C GLU A 224 -1.19 -25.17 13.88
N VAL A 225 -0.01 -24.60 14.10
CA VAL A 225 0.92 -24.33 13.02
C VAL A 225 2.19 -25.15 13.11
N PRO A 226 2.52 -25.91 12.05
CA PRO A 226 3.74 -26.73 12.04
C PRO A 226 4.94 -25.81 12.20
N GLU A 227 6.02 -26.33 12.77
CA GLU A 227 7.23 -25.53 12.97
C GLU A 227 7.79 -24.99 11.66
N GLU A 228 7.68 -25.79 10.60
CA GLU A 228 8.18 -25.40 9.29
C GLU A 228 7.46 -24.18 8.70
N ASN A 229 6.33 -23.82 9.31
CA ASN A 229 5.55 -22.68 8.86
C ASN A 229 5.90 -21.41 9.61
N VAL A 230 6.98 -21.46 10.39
CA VAL A 230 7.41 -20.29 11.14
C VAL A 230 8.54 -19.65 10.36
N LEU A 231 8.58 -18.32 10.37
CA LEU A 231 9.62 -17.55 9.68
C LEU A 231 10.84 -17.45 10.59
N PRO A 232 11.88 -18.22 10.28
CA PRO A 232 13.14 -18.27 11.03
C PRO A 232 14.00 -17.01 11.06
N GLY A 233 13.66 -16.03 10.25
CA GLY A 233 14.46 -14.81 10.21
C GLY A 233 13.97 -13.60 10.98
N ALA A 234 12.81 -13.69 11.62
CA ALA A 234 12.28 -12.56 12.39
C ALA A 234 12.17 -12.93 13.88
N SER A 235 12.41 -11.96 14.76
CA SER A 235 12.35 -12.24 16.18
C SER A 235 11.49 -11.28 17.00
N SER A 236 11.65 -9.97 16.81
CA SER A 236 10.83 -9.02 17.58
C SER A 236 10.58 -7.68 16.92
N LEU A 237 9.36 -7.51 16.40
CA LEU A 237 8.93 -6.28 15.74
C LEU A 237 9.80 -5.81 14.58
N GLY A 238 11.06 -6.23 14.57
CA GLY A 238 11.96 -5.85 13.50
C GLY A 238 11.54 -6.47 12.18
N GLY A 239 11.02 -7.69 12.26
CA GLY A 239 10.57 -8.38 11.06
C GLY A 239 9.42 -7.61 10.43
N PRO A 240 8.33 -7.37 11.18
CA PRO A 240 7.20 -6.63 10.61
C PRO A 240 7.58 -5.20 10.23
N PHE A 241 8.26 -4.50 11.13
CA PHE A 241 8.65 -3.11 10.85
C PHE A 241 9.49 -3.03 9.59
N GLY A 242 10.34 -4.02 9.37
CA GLY A 242 11.17 -4.02 8.18
C GLY A 242 10.30 -4.12 6.95
N CYS A 243 9.34 -5.05 6.97
CA CYS A 243 8.42 -5.23 5.86
C CYS A 243 7.62 -3.95 5.65
N LEU A 244 7.20 -3.36 6.76
CA LEU A 244 6.41 -2.14 6.74
C LEU A 244 7.08 -1.02 5.95
N ASN A 245 8.40 -0.89 6.09
CA ASN A 245 9.11 0.16 5.38
C ASN A 245 9.03 -0.01 3.87
N ASN A 246 9.01 -1.26 3.41
CA ASN A 246 8.94 -1.52 1.98
C ASN A 246 7.57 -1.15 1.43
N ALA A 247 6.54 -1.42 2.22
CA ALA A 247 5.17 -1.10 1.81
C ALA A 247 4.99 0.42 1.81
N ARG A 248 5.53 1.07 2.84
CA ARG A 248 5.43 2.52 2.97
C ARG A 248 6.12 3.24 1.84
N TYR A 249 7.22 2.68 1.36
CA TYR A 249 7.94 3.29 0.25
C TYR A 249 7.01 3.28 -0.98
N GLY A 250 6.38 2.14 -1.23
CA GLY A 250 5.48 2.04 -2.35
C GLY A 250 4.30 2.99 -2.23
N ILE A 251 3.88 3.24 -0.99
CA ILE A 251 2.76 4.12 -0.71
C ILE A 251 3.10 5.59 -1.00
N ALA A 252 4.33 5.99 -0.64
CA ALA A 252 4.77 7.36 -0.87
C ALA A 252 4.68 7.72 -2.36
N TRP A 253 4.98 6.75 -3.22
CA TRP A 253 4.92 6.90 -4.67
C TRP A 253 3.49 6.86 -5.16
N GLY A 254 2.77 5.82 -4.73
CA GLY A 254 1.39 5.63 -5.14
C GLY A 254 0.45 6.82 -5.00
N VAL A 255 0.40 7.43 -3.82
CA VAL A 255 -0.51 8.54 -3.59
C VAL A 255 -0.29 9.69 -4.56
N LEU A 256 0.90 9.77 -5.14
CA LEU A 256 1.19 10.82 -6.10
C LEU A 256 0.40 10.55 -7.39
N GLY A 257 0.14 9.27 -7.65
CA GLY A 257 -0.62 8.89 -8.83
C GLY A 257 -2.05 9.39 -8.69
N ALA A 258 -2.63 9.19 -7.50
CA ALA A 258 -3.98 9.63 -7.19
C ALA A 258 -4.07 11.15 -7.24
N SER A 259 -3.03 11.83 -6.76
CA SER A 259 -2.99 13.28 -6.77
C SER A 259 -2.99 13.79 -8.20
N GLU A 260 -2.11 13.21 -9.02
CA GLU A 260 -2.02 13.59 -10.42
C GLU A 260 -3.35 13.39 -11.11
N PHE A 261 -4.03 12.30 -10.81
CA PHE A 261 -5.33 12.05 -11.41
C PHE A 261 -6.29 13.17 -11.02
N CYS A 262 -6.27 13.54 -9.74
CA CYS A 262 -7.15 14.60 -9.26
C CYS A 262 -6.80 15.94 -9.89
N LEU A 263 -5.50 16.22 -10.04
CA LEU A 263 -5.06 17.46 -10.66
C LEU A 263 -5.55 17.52 -12.12
N HIS A 264 -5.31 16.47 -12.87
CA HIS A 264 -5.72 16.40 -14.28
C HIS A 264 -7.22 16.56 -14.45
N THR A 265 -7.99 15.90 -13.58
CA THR A 265 -9.44 15.97 -13.63
C THR A 265 -9.92 17.38 -13.33
N ALA A 266 -9.41 17.97 -12.26
CA ALA A 266 -9.80 19.32 -11.87
C ALA A 266 -9.43 20.33 -12.95
N ARG A 267 -8.25 20.15 -13.53
CA ARG A 267 -7.78 21.06 -14.58
C ARG A 267 -8.69 21.01 -15.79
N GLN A 268 -8.88 19.82 -16.35
CA GLN A 268 -9.76 19.66 -17.51
C GLN A 268 -11.16 20.19 -17.23
N TYR A 269 -11.64 19.92 -16.02
CA TYR A 269 -12.98 20.38 -15.67
C TYR A 269 -13.01 21.90 -15.68
N ALA A 270 -11.99 22.53 -15.12
CA ALA A 270 -11.93 24.00 -15.06
C ALA A 270 -11.89 24.63 -16.46
N LEU A 271 -11.38 23.89 -17.43
CA LEU A 271 -11.29 24.36 -18.80
C LEU A 271 -12.60 24.16 -19.57
N ASP A 272 -13.28 23.05 -19.30
CA ASP A 272 -14.53 22.70 -19.96
C ASP A 272 -15.75 23.34 -19.34
N ARG A 273 -15.76 23.43 -18.00
CA ARG A 273 -16.88 24.01 -17.28
C ARG A 273 -16.92 25.53 -17.37
N MET A 274 -18.08 26.06 -17.72
CA MET A 274 -18.24 27.50 -17.84
C MET A 274 -19.34 28.09 -16.99
N GLN A 275 -19.01 29.22 -16.38
CA GLN A 275 -19.94 29.95 -15.52
C GLN A 275 -19.55 31.41 -15.67
N PHE A 276 -20.53 32.30 -15.64
CA PHE A 276 -20.27 33.73 -15.78
C PHE A 276 -19.65 34.02 -17.15
N GLY A 277 -20.01 33.20 -18.13
CA GLY A 277 -19.51 33.41 -19.48
C GLY A 277 -18.06 33.07 -19.77
N VAL A 278 -17.37 32.43 -18.84
CA VAL A 278 -15.98 32.06 -19.06
C VAL A 278 -15.67 30.72 -18.39
N PRO A 279 -14.58 30.06 -18.79
CA PRO A 279 -14.27 28.80 -18.14
C PRO A 279 -13.81 29.07 -16.72
N LEU A 280 -14.11 28.15 -15.81
CA LEU A 280 -13.72 28.33 -14.42
C LEU A 280 -12.22 28.62 -14.31
N ALA A 281 -11.44 28.03 -15.22
CA ALA A 281 -10.00 28.21 -15.24
C ALA A 281 -9.56 29.67 -15.37
N ARG A 282 -10.49 30.54 -15.74
CA ARG A 282 -10.17 31.96 -15.91
C ARG A 282 -10.05 32.68 -14.56
N ASN A 283 -10.64 32.10 -13.52
CA ASN A 283 -10.63 32.71 -12.20
C ASN A 283 -9.36 32.52 -11.39
N GLN A 284 -8.89 33.62 -10.78
CA GLN A 284 -7.69 33.59 -9.96
C GLN A 284 -7.78 32.54 -8.85
N LEU A 285 -8.89 32.52 -8.14
CA LEU A 285 -9.09 31.57 -7.05
C LEU A 285 -8.88 30.14 -7.53
N ILE A 286 -9.32 29.84 -8.76
CA ILE A 286 -9.17 28.51 -9.32
C ILE A 286 -7.72 28.21 -9.70
N GLN A 287 -7.06 29.17 -10.33
CA GLN A 287 -5.68 28.99 -10.75
C GLN A 287 -4.69 28.78 -9.60
N LYS A 288 -4.93 29.43 -8.46
CA LYS A 288 -4.04 29.29 -7.32
C LYS A 288 -4.09 27.85 -6.81
N LYS A 289 -5.29 27.27 -6.79
CA LYS A 289 -5.45 25.91 -6.34
C LYS A 289 -4.66 24.95 -7.22
N LEU A 290 -4.76 25.13 -8.53
CA LEU A 290 -4.04 24.28 -9.47
C LEU A 290 -2.53 24.42 -9.25
N ALA A 291 -2.07 25.65 -9.03
CA ALA A 291 -0.66 25.90 -8.80
C ALA A 291 -0.16 25.17 -7.56
N ASP A 292 -0.97 25.18 -6.49
CA ASP A 292 -0.62 24.50 -5.24
C ASP A 292 -0.53 22.98 -5.41
N MET A 293 -1.49 22.43 -6.14
CA MET A 293 -1.52 20.99 -6.38
C MET A 293 -0.25 20.57 -7.14
N LEU A 294 0.04 21.26 -8.24
CA LEU A 294 1.22 20.93 -9.04
C LEU A 294 2.50 21.04 -8.23
N THR A 295 2.58 22.08 -7.41
CA THR A 295 3.76 22.30 -6.58
C THR A 295 4.04 21.14 -5.62
N GLU A 296 3.03 20.76 -4.84
CA GLU A 296 3.21 19.67 -3.90
C GLU A 296 3.49 18.33 -4.58
N ILE A 297 2.79 18.05 -5.67
CA ILE A 297 3.02 16.80 -6.38
C ILE A 297 4.48 16.70 -6.85
N THR A 298 4.97 17.80 -7.42
CA THR A 298 6.34 17.85 -7.94
C THR A 298 7.41 17.65 -6.87
N LEU A 299 7.23 18.31 -5.74
CA LEU A 299 8.19 18.19 -4.65
C LEU A 299 8.25 16.74 -4.18
N GLY A 300 7.10 16.09 -4.11
CA GLY A 300 7.04 14.71 -3.66
C GLY A 300 7.62 13.72 -4.66
N LEU A 301 7.38 13.96 -5.95
CA LEU A 301 7.87 13.07 -7.00
C LEU A 301 9.39 12.97 -7.03
N HIS A 302 10.07 14.12 -7.01
CA HIS A 302 11.52 14.12 -7.05
C HIS A 302 12.15 13.65 -5.75
N ALA A 303 11.44 13.80 -4.64
CA ALA A 303 11.95 13.34 -3.36
C ALA A 303 11.88 11.80 -3.42
N CYS A 304 10.75 11.28 -3.89
CA CYS A 304 10.58 9.83 -4.01
C CYS A 304 11.65 9.21 -4.91
N LEU A 305 11.96 9.89 -6.01
CA LEU A 305 12.98 9.39 -6.92
C LEU A 305 14.30 9.20 -6.18
N GLN A 306 14.69 10.23 -5.44
CA GLN A 306 15.92 10.22 -4.66
C GLN A 306 15.93 9.06 -3.66
N LEU A 307 14.81 8.88 -2.97
CA LEU A 307 14.70 7.80 -1.99
C LEU A 307 14.85 6.47 -2.69
N GLY A 308 14.23 6.35 -3.87
CA GLY A 308 14.30 5.12 -4.63
C GLY A 308 15.72 4.77 -5.04
N ARG A 309 16.49 5.78 -5.43
CA ARG A 309 17.87 5.57 -5.83
C ARG A 309 18.70 5.14 -4.60
N LEU A 310 18.49 5.81 -3.47
CA LEU A 310 19.21 5.47 -2.25
C LEU A 310 18.89 4.04 -1.83
N LYS A 311 17.62 3.68 -1.98
CA LYS A 311 17.16 2.36 -1.60
C LYS A 311 17.93 1.28 -2.33
N ASP A 312 18.08 1.43 -3.65
CA ASP A 312 18.82 0.44 -4.43
C ASP A 312 20.30 0.40 -4.09
N GLN A 313 20.78 1.40 -3.35
CA GLN A 313 22.18 1.43 -2.96
C GLN A 313 22.28 1.00 -1.50
N ASP A 314 21.16 0.54 -0.96
CA ASP A 314 21.12 0.11 0.45
C ASP A 314 21.54 1.24 1.37
N LYS A 315 21.04 2.45 1.09
CA LYS A 315 21.37 3.60 1.91
C LYS A 315 20.12 4.29 2.42
N ALA A 316 18.99 3.60 2.34
CA ALA A 316 17.73 4.16 2.79
C ALA A 316 17.44 3.79 4.23
N ALA A 317 17.15 4.80 5.05
CA ALA A 317 16.83 4.59 6.46
C ALA A 317 15.33 4.69 6.62
N PRO A 318 14.76 3.98 7.61
CA PRO A 318 13.32 4.00 7.89
C PRO A 318 12.75 5.40 8.04
N GLU A 319 13.53 6.30 8.65
CA GLU A 319 13.07 7.67 8.86
C GLU A 319 12.82 8.38 7.52
N MET A 320 13.65 8.07 6.52
CA MET A 320 13.51 8.67 5.21
C MET A 320 12.12 8.32 4.66
N VAL A 321 11.74 7.05 4.79
CA VAL A 321 10.45 6.58 4.30
C VAL A 321 9.30 7.21 5.08
N SER A 322 9.47 7.40 6.39
CA SER A 322 8.42 8.01 7.19
C SER A 322 8.18 9.42 6.70
N LEU A 323 9.27 10.15 6.47
CA LEU A 323 9.20 11.52 6.01
C LEU A 323 8.35 11.65 4.74
N LEU A 324 8.63 10.82 3.73
CA LEU A 324 7.87 10.90 2.48
C LEU A 324 6.48 10.32 2.55
N LYS A 325 6.32 9.25 3.33
CA LYS A 325 5.01 8.62 3.47
C LYS A 325 4.06 9.62 4.11
N ARG A 326 4.49 10.20 5.23
CA ARG A 326 3.70 11.18 5.95
C ARG A 326 3.40 12.40 5.06
N ASN A 327 4.44 12.93 4.42
CA ASN A 327 4.27 14.09 3.56
C ASN A 327 3.31 13.85 2.40
N ASN A 328 3.62 12.87 1.57
CA ASN A 328 2.81 12.58 0.40
C ASN A 328 1.36 12.19 0.70
N CYS A 329 1.13 11.41 1.75
CA CYS A 329 -0.24 11.02 2.06
C CYS A 329 -1.04 12.22 2.54
N GLY A 330 -0.42 13.06 3.37
CA GLY A 330 -1.11 14.24 3.87
C GLY A 330 -1.45 15.22 2.76
N LYS A 331 -0.45 15.48 1.92
CA LYS A 331 -0.60 16.39 0.79
C LYS A 331 -1.60 15.84 -0.25
N ALA A 332 -1.55 14.53 -0.48
CA ALA A 332 -2.44 13.91 -1.44
C ALA A 332 -3.89 14.07 -1.01
N LEU A 333 -4.12 13.95 0.28
CA LEU A 333 -5.46 14.08 0.85
C LEU A 333 -6.00 15.49 0.60
N ASP A 334 -5.17 16.50 0.85
CA ASP A 334 -5.57 17.89 0.64
C ASP A 334 -5.90 18.16 -0.83
N ILE A 335 -5.10 17.58 -1.72
CA ILE A 335 -5.28 17.74 -3.15
C ILE A 335 -6.61 17.17 -3.61
N ALA A 336 -6.92 15.94 -3.19
CA ALA A 336 -8.18 15.33 -3.58
C ALA A 336 -9.37 16.13 -3.06
N ARG A 337 -9.23 16.68 -1.86
CA ARG A 337 -10.30 17.48 -1.27
C ARG A 337 -10.52 18.77 -2.04
N GLN A 338 -9.44 19.41 -2.44
CA GLN A 338 -9.52 20.65 -3.21
C GLN A 338 -10.19 20.36 -4.55
N ALA A 339 -9.75 19.29 -5.21
CA ALA A 339 -10.31 18.90 -6.50
C ALA A 339 -11.82 18.70 -6.37
N ARG A 340 -12.24 18.03 -5.29
CA ARG A 340 -13.65 17.77 -5.07
C ARG A 340 -14.41 19.10 -4.97
N ASP A 341 -13.83 20.05 -4.25
CA ASP A 341 -14.48 21.34 -4.10
C ASP A 341 -14.58 22.06 -5.46
N MET A 342 -13.55 21.88 -6.29
CA MET A 342 -13.49 22.49 -7.60
C MET A 342 -14.51 21.98 -8.62
N LEU A 343 -14.99 20.74 -8.46
CA LEU A 343 -15.98 20.21 -9.38
C LEU A 343 -17.40 20.52 -8.91
N GLY A 344 -17.51 21.21 -7.77
CA GLY A 344 -18.80 21.56 -7.22
C GLY A 344 -19.72 20.38 -6.96
N GLY A 345 -21.02 20.57 -7.20
CA GLY A 345 -21.98 19.51 -6.97
C GLY A 345 -21.59 18.19 -7.63
N ASN A 346 -21.14 18.24 -8.88
CA ASN A 346 -20.73 17.04 -9.59
C ASN A 346 -19.64 16.28 -8.86
N GLY A 347 -18.86 16.99 -8.05
CA GLY A 347 -17.78 16.38 -7.31
C GLY A 347 -18.18 15.34 -6.28
N ILE A 348 -19.45 15.32 -5.86
CA ILE A 348 -19.86 14.33 -4.88
C ILE A 348 -20.37 13.07 -5.57
N SER A 349 -20.35 13.07 -6.91
CA SER A 349 -20.78 11.90 -7.69
C SER A 349 -19.56 11.05 -7.98
N ASP A 350 -19.66 9.74 -7.79
CA ASP A 350 -18.52 8.87 -8.05
C ASP A 350 -18.25 8.77 -9.55
N GLU A 351 -19.19 9.27 -10.34
CA GLU A 351 -19.08 9.28 -11.80
C GLU A 351 -17.93 10.20 -12.19
N TYR A 352 -17.61 11.14 -11.30
CA TYR A 352 -16.52 12.09 -11.53
C TYR A 352 -15.23 11.67 -10.82
N HIS A 353 -15.27 10.50 -10.17
CA HIS A 353 -14.11 9.90 -9.53
C HIS A 353 -13.35 10.57 -8.39
N VAL A 354 -13.28 11.89 -8.39
CA VAL A 354 -12.54 12.59 -7.35
C VAL A 354 -13.01 12.25 -5.92
N ILE A 355 -14.31 12.12 -5.72
CA ILE A 355 -14.84 11.79 -4.40
C ILE A 355 -14.31 10.43 -3.93
N ARG A 356 -14.10 9.51 -4.86
CA ARG A 356 -13.58 8.19 -4.55
C ARG A 356 -12.15 8.29 -4.03
N HIS A 357 -11.32 9.09 -4.70
CA HIS A 357 -9.93 9.27 -4.26
C HIS A 357 -9.85 9.96 -2.90
N ALA A 358 -10.68 10.98 -2.69
CA ALA A 358 -10.68 11.70 -1.43
C ALA A 358 -11.02 10.74 -0.28
N MET A 359 -12.00 9.87 -0.50
CA MET A 359 -12.40 8.89 0.51
C MET A 359 -11.29 7.87 0.74
N ASN A 360 -10.75 7.33 -0.35
CA ASN A 360 -9.67 6.34 -0.27
C ASN A 360 -8.45 6.84 0.48
N LEU A 361 -8.01 8.07 0.17
CA LEU A 361 -6.82 8.63 0.80
C LEU A 361 -6.98 8.85 2.30
N GLU A 362 -8.22 8.73 2.76
CA GLU A 362 -8.50 8.89 4.16
C GLU A 362 -7.81 7.72 4.87
N ALA A 363 -8.12 6.51 4.40
CA ALA A 363 -7.55 5.28 4.93
C ALA A 363 -6.04 5.20 4.75
N VAL A 364 -5.56 5.61 3.57
CA VAL A 364 -4.14 5.57 3.27
C VAL A 364 -3.32 6.44 4.23
N ASN A 365 -3.89 7.56 4.67
CA ASN A 365 -3.18 8.46 5.57
C ASN A 365 -3.17 7.92 7.01
N THR A 366 -3.98 6.88 7.25
CA THR A 366 -4.08 6.25 8.56
C THR A 366 -3.25 4.98 8.69
N TYR A 367 -3.39 4.04 7.75
CA TYR A 367 -2.64 2.80 7.84
C TYR A 367 -1.16 2.94 7.53
N GLU A 368 -0.38 1.91 7.86
CA GLU A 368 1.06 1.94 7.66
C GLU A 368 1.65 3.14 8.40
N GLY A 369 1.10 3.42 9.58
CA GLY A 369 1.56 4.53 10.38
C GLY A 369 0.77 5.81 10.13
N THR A 370 0.11 6.31 11.17
CA THR A 370 -0.68 7.53 11.04
C THR A 370 0.22 8.73 10.79
N HIS A 371 -0.39 9.82 10.34
CA HIS A 371 0.35 11.04 10.06
C HIS A 371 1.10 11.52 11.30
N ASP A 372 0.45 11.46 12.46
CA ASP A 372 1.12 11.91 13.69
C ASP A 372 2.18 10.94 14.18
N ILE A 373 1.97 9.64 13.98
CA ILE A 373 2.98 8.69 14.44
C ILE A 373 4.28 8.93 13.67
N HIS A 374 4.17 9.11 12.36
CA HIS A 374 5.37 9.36 11.56
C HIS A 374 6.06 10.66 11.98
N ALA A 375 5.29 11.62 12.49
CA ALA A 375 5.89 12.87 12.94
C ALA A 375 6.76 12.56 14.15
N LEU A 376 6.22 11.74 15.05
CA LEU A 376 6.94 11.35 16.26
C LEU A 376 8.19 10.56 15.92
N ILE A 377 8.09 9.72 14.88
CA ILE A 377 9.23 8.92 14.44
C ILE A 377 10.35 9.88 14.02
N LEU A 378 9.97 10.91 13.26
CA LEU A 378 10.94 11.92 12.82
C LEU A 378 11.43 12.71 14.03
N GLY A 379 10.51 13.03 14.93
CA GLY A 379 10.86 13.78 16.12
C GLY A 379 11.92 13.08 16.96
N ARG A 380 11.80 11.77 17.09
CA ARG A 380 12.75 10.98 17.87
C ARG A 380 14.11 11.03 17.20
N ALA A 381 14.11 10.90 15.88
CA ALA A 381 15.34 10.91 15.10
C ALA A 381 16.03 12.28 15.14
N ILE A 382 15.25 13.33 15.19
CA ILE A 382 15.80 14.69 15.22
C ILE A 382 16.33 15.09 16.59
N THR A 383 15.58 14.79 17.63
CA THR A 383 15.97 15.17 18.99
C THR A 383 16.70 14.08 19.77
N GLY A 384 16.50 12.83 19.38
CA GLY A 384 17.13 11.75 20.10
C GLY A 384 16.31 11.42 21.34
N ILE A 385 15.14 12.04 21.44
CA ILE A 385 14.23 11.84 22.56
C ILE A 385 12.90 11.26 22.08
N GLN A 386 12.46 10.18 22.73
CA GLN A 386 11.21 9.53 22.40
C GLN A 386 10.04 10.30 23.01
N ALA A 387 8.96 10.48 22.26
CA ALA A 387 7.81 11.21 22.78
C ALA A 387 6.48 10.52 22.52
N PHE A 388 6.52 9.24 22.15
CA PHE A 388 5.31 8.48 21.89
C PHE A 388 4.51 8.30 23.17
N THR A 389 5.21 7.97 24.25
CA THR A 389 4.59 7.75 25.54
C THR A 389 4.97 8.82 26.54
N ALA A 390 4.39 8.73 27.73
CA ALA A 390 4.66 9.68 28.80
C ALA A 390 5.14 8.94 30.05
PA FAD B . -4.92 4.43 16.73
O1A FAD B . -3.74 5.30 16.48
O2A FAD B . -4.82 3.58 17.75
O5B FAD B . -5.86 5.61 17.05
C5B FAD B . -6.20 6.66 16.07
C4B FAD B . -5.53 8.04 16.40
O4B FAD B . -4.64 7.98 17.59
C3B FAD B . -4.65 8.56 15.25
O3B FAD B . -4.96 9.83 14.80
C2B FAD B . -3.26 8.37 15.79
O2B FAD B . -2.30 9.15 15.15
C1B FAD B . -3.45 8.78 17.23
N9A FAD B . -2.39 8.34 18.13
C8A FAD B . -2.08 7.02 18.47
N7A FAD B . -1.07 6.93 19.31
C5A FAD B . -0.68 8.22 19.56
C6A FAD B . 0.38 8.79 20.40
N6A FAD B . 1.22 8.05 21.12
N1A FAD B . 0.47 10.17 20.39
C2A FAD B . -0.38 10.96 19.65
N3A FAD B . -1.39 10.53 18.85
C4A FAD B . -1.50 9.15 18.83
N1 FAD B . -3.22 -3.68 9.29
C2 FAD B . -2.52 -4.80 9.02
O2 FAD B . -1.80 -5.29 9.83
N3 FAD B . -2.62 -5.47 7.75
C4 FAD B . -3.45 -5.00 6.75
O4 FAD B . -3.49 -5.60 5.69
C4X FAD B . -4.22 -3.80 7.01
N5 FAD B . -5.08 -3.30 6.08
C5X FAD B . -5.82 -2.16 6.40
C6 FAD B . -6.75 -1.65 5.43
C7 FAD B . -7.53 -0.54 5.72
C7M FAD B . -8.52 -0.03 4.69
C8 FAD B . -7.41 0.15 7.01
C8M FAD B . -8.23 1.36 7.37
C9 FAD B . -6.50 -0.35 7.94
C9A FAD B . -5.72 -1.50 7.65
N10 FAD B . -4.78 -2.07 8.60
C10 FAD B . -4.06 -3.16 8.34
C1' FAD B . -4.71 -1.38 9.86
C2' FAD B . -3.62 -0.25 10.01
O2' FAD B . -2.33 -0.86 9.98
C3' FAD B . -4.02 0.17 11.31
O3' FAD B . -5.35 0.76 11.13
C4' FAD B . -3.30 1.28 12.01
O4' FAD B . -1.92 0.89 12.26
C5' FAD B . -4.21 1.15 13.17
O5' FAD B . -4.10 2.10 14.30
P FAD B . -5.46 2.42 14.88
O1P FAD B . -6.44 2.36 13.66
O2P FAD B . -5.81 1.62 15.96
O3P FAD B . -5.26 3.77 15.37
#